data_6T6K
#
_entry.id   6T6K
#
_cell.length_a   82.726
_cell.length_b   82.726
_cell.length_c   88.044
_cell.angle_alpha   90.000
_cell.angle_beta   90.000
_cell.angle_gamma   120.000
#
_symmetry.space_group_name_H-M   'P 32 2 1'
#
loop_
_entity.id
_entity.type
_entity.pdbx_description
1 polymer 'Orange carotenoid-binding protein'
2 non-polymer beta,beta-caroten-4-one
3 non-polymer GLYCINE
4 non-polymer 'CHLORIDE ION'
5 non-polymer IMIDAZOLE
6 non-polymer HISTIDINE
7 non-polymer 1,2-ETHANEDIOL
8 water water
#
_entity_poly.entity_id   1
_entity_poly.type   'polypeptide(L)'
_entity_poly.pdbx_seq_one_letter_code
;MRGSHHHHHHTDPATMPFTIDSARGIFPNTLAADVVPATIARFSQLNAEDQLALIWFAYLEMGKTLTIAAPGAASMQLAE
NALKEIQAMGPLQQTQAMCDLANRADTPLCRTYASWSPNIKLGFWYRLGELMEQGFVAPIPAGYQLSANANAVLATIQGL
ESGQQITVLRNAVVDMGFTAGKDGKRIAEPVVPPQDTASRTKVSIEGVTNATVLNWMDNLNANDFDTLIELFTSDGALQP
PFQRPIVGKENVLRFFREECQNLKLIPERGVTEPAEDGFTQIKVTGKVQTPWFGGNVGMNIAWRFLLNPEGKIFFVAIDL
LASPKELLNFAR
;
_entity_poly.pdbx_strand_id   A
#
loop_
_chem_comp.id
_chem_comp.type
_chem_comp.name
_chem_comp.formula
CL non-polymer 'CHLORIDE ION' 'Cl -1'
ECH non-polymer beta,beta-caroten-4-one 'C40 H54 O'
EDO non-polymer 1,2-ETHANEDIOL 'C2 H6 O2'
IMD non-polymer IMIDAZOLE 'C3 H5 N2 1'
#
# COMPACT_ATOMS: atom_id res chain seq x y z
N PHE A 18 -17.69 19.82 -12.95
CA PHE A 18 -16.95 18.74 -12.21
C PHE A 18 -15.77 18.24 -13.04
N THR A 19 -14.56 18.37 -12.49
CA THR A 19 -13.37 17.68 -13.00
C THR A 19 -12.87 16.70 -11.94
N ILE A 20 -12.04 15.75 -12.35
CA ILE A 20 -11.44 14.80 -11.38
C ILE A 20 -10.68 15.59 -10.33
N ASP A 21 -9.86 16.55 -10.75
CA ASP A 21 -8.95 17.24 -9.80
C ASP A 21 -9.77 18.10 -8.83
N SER A 22 -10.94 18.61 -9.23
CA SER A 22 -11.79 19.36 -8.28
C SER A 22 -12.59 18.42 -7.37
N ALA A 23 -12.99 17.24 -7.86
CA ALA A 23 -13.68 16.21 -7.05
C ALA A 23 -12.84 15.82 -5.85
N ARG A 24 -11.53 16.00 -5.96
CA ARG A 24 -10.58 15.65 -4.87
C ARG A 24 -10.99 16.38 -3.58
N GLY A 25 -11.77 17.46 -3.68
CA GLY A 25 -12.08 18.33 -2.53
C GLY A 25 -13.35 17.96 -1.80
N ILE A 26 -14.05 16.90 -2.20
CA ILE A 26 -15.30 16.53 -1.51
C ILE A 26 -15.00 16.11 -0.06
N PHE A 27 -15.94 16.38 0.85
CA PHE A 27 -15.80 16.06 2.28
C PHE A 27 -14.47 16.58 2.84
N PRO A 28 -14.23 17.93 2.82
CA PRO A 28 -12.96 18.52 3.21
C PRO A 28 -12.62 18.44 4.70
N ASN A 29 -13.59 18.05 5.51
CA ASN A 29 -13.49 17.77 6.96
CA ASN A 29 -13.33 17.86 6.96
C ASN A 29 -12.65 16.50 7.21
N THR A 30 -12.55 15.63 6.20
CA THR A 30 -11.91 14.31 6.37
C THR A 30 -10.42 14.52 6.66
N LEU A 31 -9.95 14.14 7.85
CA LEU A 31 -8.53 14.40 8.21
C LEU A 31 -7.72 13.16 7.92
N ALA A 32 -6.98 13.22 6.83
CA ALA A 32 -6.11 12.12 6.42
C ALA A 32 -4.86 12.11 7.29
N ALA A 33 -4.23 10.93 7.38
CA ALA A 33 -2.99 10.72 8.14
C ALA A 33 -1.79 11.22 7.34
N ASP A 34 -1.73 12.52 7.07
CA ASP A 34 -0.64 13.05 6.22
C ASP A 34 0.72 12.98 6.92
N VAL A 35 0.78 12.55 8.18
CA VAL A 35 2.09 12.19 8.79
C VAL A 35 2.77 11.09 7.97
N VAL A 36 2.00 10.27 7.24
CA VAL A 36 2.62 9.20 6.43
C VAL A 36 3.48 9.78 5.32
N PRO A 37 2.95 10.59 4.37
CA PRO A 37 3.82 11.19 3.35
C PRO A 37 4.85 12.14 3.95
N ALA A 38 4.53 12.81 5.06
CA ALA A 38 5.53 13.67 5.71
C ALA A 38 6.74 12.83 6.11
N THR A 39 6.47 11.68 6.73
CA THR A 39 7.55 10.82 7.25
C THR A 39 8.36 10.22 6.11
N ILE A 40 7.67 9.87 5.01
CA ILE A 40 8.39 9.35 3.82
C ILE A 40 9.29 10.43 3.24
N ALA A 41 8.84 11.69 3.23
CA ALA A 41 9.69 12.77 2.70
C ALA A 41 10.94 12.93 3.56
N ARG A 42 10.79 12.84 4.87
CA ARG A 42 11.97 12.94 5.78
C ARG A 42 12.89 11.74 5.54
N PHE A 43 12.31 10.54 5.46
CA PHE A 43 13.06 9.30 5.21
C PHE A 43 13.88 9.42 3.93
N SER A 44 13.27 10.03 2.90
N SER A 44 13.28 10.00 2.89
CA SER A 44 13.84 10.09 1.53
CA SER A 44 13.90 10.02 1.54
C SER A 44 15.11 10.94 1.52
C SER A 44 15.14 10.92 1.52
N GLN A 45 15.28 11.82 2.52
CA GLN A 45 16.46 12.70 2.60
C GLN A 45 17.67 11.94 3.16
N LEU A 46 17.44 10.81 3.84
CA LEU A 46 18.50 10.17 4.64
C LEU A 46 19.53 9.52 3.73
N ASN A 47 20.71 9.33 4.29
CA ASN A 47 21.77 8.47 3.75
C ASN A 47 21.22 7.05 3.51
N ALA A 48 21.60 6.40 2.40
CA ALA A 48 21.05 5.07 2.05
C ALA A 48 21.32 4.05 3.17
N GLU A 49 22.53 4.01 3.71
CA GLU A 49 22.82 3.03 4.78
C GLU A 49 21.89 3.31 5.97
N ASP A 50 21.60 4.59 6.24
CA ASP A 50 20.69 4.95 7.36
CA ASP A 50 20.69 4.98 7.34
C ASP A 50 19.28 4.51 7.01
N GLN A 51 18.86 4.67 5.75
CA GLN A 51 17.52 4.22 5.32
CA GLN A 51 17.52 4.22 5.30
C GLN A 51 17.38 2.72 5.60
N LEU A 52 18.37 1.93 5.18
CA LEU A 52 18.28 0.46 5.34
C LEU A 52 18.30 0.12 6.83
N ALA A 53 19.18 0.74 7.59
CA ALA A 53 19.28 0.42 9.03
C ALA A 53 17.98 0.83 9.74
N LEU A 54 17.42 1.99 9.41
CA LEU A 54 16.20 2.46 10.08
C LEU A 54 15.08 1.46 9.84
N ILE A 55 14.90 1.02 8.59
CA ILE A 55 13.80 0.08 8.29
CA ILE A 55 13.80 0.08 8.28
C ILE A 55 14.05 -1.25 9.01
N TRP A 56 15.31 -1.70 9.03
CA TRP A 56 15.66 -2.95 9.77
C TRP A 56 15.19 -2.82 11.23
N PHE A 57 15.53 -1.73 11.91
CA PHE A 57 15.13 -1.54 13.32
C PHE A 57 13.60 -1.49 13.42
N ALA A 58 12.94 -0.74 12.54
CA ALA A 58 11.47 -0.60 12.61
C ALA A 58 10.83 -1.98 12.46
N TYR A 59 11.31 -2.72 11.46
CA TYR A 59 10.75 -4.02 11.08
CA TYR A 59 10.81 -4.04 11.06
C TYR A 59 10.95 -5.03 12.23
N LEU A 60 12.14 -5.08 12.79
CA LEU A 60 12.44 -6.00 13.92
CA LEU A 60 12.45 -6.00 13.92
C LEU A 60 11.53 -5.67 15.11
N GLU A 61 11.39 -4.38 15.44
CA GLU A 61 10.57 -4.01 16.61
C GLU A 61 9.09 -4.31 16.34
N MET A 62 8.61 -4.00 15.13
CA MET A 62 7.19 -4.24 14.78
CA MET A 62 7.21 -4.25 14.75
C MET A 62 6.91 -5.75 14.87
N GLY A 63 7.88 -6.58 14.52
CA GLY A 63 7.71 -8.04 14.47
C GLY A 63 7.52 -8.66 15.85
N LYS A 64 7.76 -7.90 16.92
CA LYS A 64 7.56 -8.38 18.31
C LYS A 64 6.07 -8.54 18.58
N THR A 65 5.22 -7.79 17.88
CA THR A 65 3.76 -7.80 18.11
C THR A 65 2.96 -8.03 16.82
N LEU A 66 3.50 -7.67 15.65
CA LEU A 66 2.73 -7.84 14.39
C LEU A 66 3.31 -9.02 13.63
N THR A 67 2.44 -9.93 13.23
CA THR A 67 2.84 -11.11 12.44
C THR A 67 2.59 -10.82 10.96
N ILE A 68 3.68 -10.80 10.18
CA ILE A 68 3.63 -10.60 8.72
C ILE A 68 3.44 -11.93 8.02
N ALA A 69 2.63 -11.92 6.96
CA ALA A 69 2.34 -13.11 6.14
C ALA A 69 3.49 -13.37 5.17
N ALA A 70 3.72 -14.64 4.86
CA ALA A 70 4.73 -15.01 3.86
C ALA A 70 4.28 -14.49 2.50
N PRO A 71 5.24 -14.03 1.68
CA PRO A 71 4.97 -13.70 0.29
C PRO A 71 4.38 -14.91 -0.47
N GLY A 72 3.56 -14.63 -1.46
CA GLY A 72 2.98 -15.67 -2.32
C GLY A 72 4.05 -16.37 -3.15
N ALA A 73 3.76 -17.61 -3.53
CA ALA A 73 4.72 -18.47 -4.25
C ALA A 73 5.06 -17.83 -5.61
N ALA A 74 4.05 -17.30 -6.30
CA ALA A 74 4.25 -16.74 -7.65
C ALA A 74 5.15 -15.50 -7.54
N SER A 75 4.88 -14.66 -6.55
CA SER A 75 5.71 -13.48 -6.29
C SER A 75 7.17 -13.90 -6.09
N MET A 76 7.41 -14.91 -5.25
CA MET A 76 8.80 -15.28 -4.92
C MET A 76 9.49 -15.85 -6.17
N GLN A 77 8.74 -16.53 -7.03
CA GLN A 77 9.32 -17.04 -8.29
C GLN A 77 9.77 -15.87 -9.14
N LEU A 78 8.96 -14.81 -9.22
CA LEU A 78 9.24 -13.66 -10.11
C LEU A 78 10.47 -12.91 -9.60
N ALA A 79 10.71 -12.91 -8.28
CA ALA A 79 11.85 -12.20 -7.68
C ALA A 79 13.10 -13.09 -7.55
N GLU A 80 12.98 -14.38 -7.88
CA GLU A 80 14.00 -15.39 -7.53
C GLU A 80 15.35 -15.05 -8.18
N ASN A 81 15.35 -14.68 -9.47
CA ASN A 81 16.62 -14.48 -10.20
C ASN A 81 17.37 -13.28 -9.60
N ALA A 82 16.69 -12.18 -9.27
CA ALA A 82 17.34 -11.01 -8.65
C ALA A 82 17.89 -11.40 -7.27
N LEU A 83 17.11 -12.13 -6.49
CA LEU A 83 17.56 -12.54 -5.12
C LEU A 83 18.78 -13.45 -5.24
N LYS A 84 18.79 -14.35 -6.21
CA LYS A 84 19.93 -15.26 -6.40
C LYS A 84 21.20 -14.46 -6.74
N GLU A 85 21.05 -13.45 -7.60
CA GLU A 85 22.19 -12.60 -8.01
C GLU A 85 22.80 -11.95 -6.76
N ILE A 86 21.96 -11.38 -5.91
CA ILE A 86 22.50 -10.73 -4.68
C ILE A 86 23.15 -11.79 -3.80
N GLN A 87 22.49 -12.94 -3.64
CA GLN A 87 23.01 -13.98 -2.73
C GLN A 87 24.40 -14.44 -3.16
N ALA A 88 24.71 -14.40 -4.45
CA ALA A 88 25.99 -14.86 -5.02
C ALA A 88 27.09 -13.80 -4.85
N MET A 89 26.73 -12.56 -4.53
CA MET A 89 27.72 -11.46 -4.37
C MET A 89 28.47 -11.66 -3.06
N GLY A 90 29.69 -11.12 -2.98
CA GLY A 90 30.39 -10.91 -1.71
C GLY A 90 29.64 -9.91 -0.85
N PRO A 91 29.88 -9.88 0.49
CA PRO A 91 29.14 -9.01 1.39
C PRO A 91 29.19 -7.52 1.03
N LEU A 92 30.36 -7.00 0.62
CA LEU A 92 30.47 -5.57 0.28
C LEU A 92 29.54 -5.27 -0.90
N GLN A 93 29.50 -6.17 -1.87
CA GLN A 93 28.67 -5.98 -3.09
C GLN A 93 27.19 -6.12 -2.73
N GLN A 94 26.85 -6.99 -1.78
CA GLN A 94 25.46 -7.15 -1.31
C GLN A 94 25.00 -5.83 -0.71
N THR A 95 25.80 -5.26 0.18
CA THR A 95 25.47 -3.99 0.83
C THR A 95 25.30 -2.91 -0.25
N GLN A 96 26.18 -2.90 -1.24
CA GLN A 96 26.16 -1.88 -2.32
C GLN A 96 24.88 -2.02 -3.15
N ALA A 97 24.47 -3.25 -3.44
CA ALA A 97 23.25 -3.52 -4.24
C ALA A 97 22.04 -2.99 -3.48
N MET A 98 22.00 -3.22 -2.17
CA MET A 98 20.85 -2.75 -1.37
C MET A 98 20.90 -1.21 -1.28
N CYS A 99 22.08 -0.63 -1.16
CA CYS A 99 22.22 0.84 -1.16
C CYS A 99 21.80 1.41 -2.53
N ASP A 100 22.15 0.73 -3.62
CA ASP A 100 21.75 1.16 -4.98
C ASP A 100 20.23 1.29 -5.03
N LEU A 101 19.51 0.31 -4.50
CA LEU A 101 18.04 0.34 -4.53
C LEU A 101 17.54 1.56 -3.75
N ALA A 102 18.07 1.77 -2.54
CA ALA A 102 17.62 2.87 -1.68
C ALA A 102 17.93 4.22 -2.34
N ASN A 103 19.08 4.31 -3.01
CA ASN A 103 19.55 5.55 -3.66
C ASN A 103 18.83 5.78 -4.99
N ARG A 104 18.03 4.83 -5.45
CA ARG A 104 17.35 4.91 -6.77
C ARG A 104 18.41 5.07 -7.88
N ALA A 105 19.53 4.38 -7.75
CA ALA A 105 20.61 4.39 -8.74
C ALA A 105 20.15 3.70 -10.02
N ASP A 106 20.74 4.07 -11.15
CA ASP A 106 20.48 3.39 -12.44
C ASP A 106 21.43 2.19 -12.57
N THR A 107 20.93 1.01 -12.20
CA THR A 107 21.63 -0.29 -12.39
C THR A 107 20.63 -1.28 -12.96
N PRO A 108 21.09 -2.38 -13.59
CA PRO A 108 20.20 -3.45 -14.03
C PRO A 108 19.26 -3.95 -12.93
N LEU A 109 19.79 -4.21 -11.73
CA LEU A 109 18.95 -4.64 -10.59
C LEU A 109 17.90 -3.58 -10.28
N CYS A 110 18.30 -2.31 -10.24
CA CYS A 110 17.35 -1.23 -9.89
C CYS A 110 16.26 -1.13 -10.96
N ARG A 111 16.60 -1.35 -12.23
CA ARG A 111 15.60 -1.31 -13.31
C ARG A 111 14.67 -2.52 -13.19
N THR A 112 15.20 -3.70 -12.90
CA THR A 112 14.35 -4.90 -12.71
C THR A 112 13.37 -4.63 -11.57
N TYR A 113 13.89 -4.18 -10.44
CA TYR A 113 13.09 -3.90 -9.23
C TYR A 113 11.96 -2.92 -9.57
N ALA A 114 12.27 -1.87 -10.32
CA ALA A 114 11.29 -0.82 -10.68
C ALA A 114 10.17 -1.40 -11.54
N SER A 115 10.40 -2.50 -12.27
CA SER A 115 9.38 -3.11 -13.14
C SER A 115 8.34 -3.88 -12.32
N TRP A 116 8.62 -4.11 -11.04
CA TRP A 116 7.80 -5.01 -10.21
C TRP A 116 6.65 -4.26 -9.55
N SER A 117 5.54 -4.97 -9.36
CA SER A 117 4.41 -4.51 -8.54
C SER A 117 4.85 -4.37 -7.08
N PRO A 118 4.13 -3.56 -6.27
CA PRO A 118 4.46 -3.42 -4.85
C PRO A 118 4.64 -4.78 -4.15
N ASN A 119 3.72 -5.72 -4.39
CA ASN A 119 3.79 -6.99 -3.64
C ASN A 119 5.09 -7.73 -3.96
N ILE A 120 5.57 -7.66 -5.20
CA ILE A 120 6.81 -8.38 -5.56
C ILE A 120 8.01 -7.69 -4.90
N LYS A 121 8.01 -6.35 -4.87
CA LYS A 121 9.06 -5.59 -4.17
C LYS A 121 9.04 -5.98 -2.69
N LEU A 122 7.87 -6.02 -2.07
CA LEU A 122 7.76 -6.34 -0.62
C LEU A 122 8.28 -7.76 -0.37
N GLY A 123 7.94 -8.70 -1.25
CA GLY A 123 8.38 -10.10 -1.05
C GLY A 123 9.89 -10.25 -1.19
N PHE A 124 10.48 -9.47 -2.10
CA PHE A 124 11.93 -9.40 -2.30
C PHE A 124 12.60 -8.98 -0.98
N TRP A 125 12.14 -7.90 -0.38
CA TRP A 125 12.76 -7.40 0.86
C TRP A 125 12.44 -8.34 2.03
N TYR A 126 11.27 -8.95 2.03
CA TYR A 126 10.94 -9.97 3.06
C TYR A 126 12.01 -11.06 3.06
N ARG A 127 12.35 -11.55 1.87
CA ARG A 127 13.35 -12.63 1.73
CA ARG A 127 13.36 -12.64 1.75
C ARG A 127 14.74 -12.11 2.14
N LEU A 128 15.12 -10.90 1.69
CA LEU A 128 16.42 -10.36 2.13
C LEU A 128 16.46 -10.22 3.64
N GLY A 129 15.36 -9.81 4.28
CA GLY A 129 15.36 -9.69 5.75
C GLY A 129 15.58 -11.04 6.42
N GLU A 130 14.95 -12.08 5.91
CA GLU A 130 15.17 -13.45 6.45
C GLU A 130 16.65 -13.82 6.29
N LEU A 131 17.21 -13.56 5.12
CA LEU A 131 18.60 -13.97 4.83
C LEU A 131 19.58 -13.15 5.69
N MET A 132 19.25 -11.89 5.95
CA MET A 132 20.11 -11.04 6.79
CA MET A 132 20.11 -11.02 6.78
C MET A 132 20.05 -11.53 8.23
N GLU A 133 18.87 -11.91 8.71
CA GLU A 133 18.70 -12.48 10.06
C GLU A 133 19.54 -13.76 10.18
N GLN A 134 19.53 -14.59 9.13
CA GLN A 134 20.20 -15.91 9.13
C GLN A 134 21.71 -15.72 8.93
N GLY A 135 22.10 -14.56 8.38
CA GLY A 135 23.51 -14.17 8.20
C GLY A 135 24.07 -14.57 6.84
N PHE A 136 23.21 -14.89 5.87
CA PHE A 136 23.60 -15.33 4.51
C PHE A 136 23.63 -14.17 3.53
N VAL A 137 23.07 -13.04 3.96
CA VAL A 137 23.24 -11.75 3.24
C VAL A 137 23.74 -10.73 4.25
N ALA A 138 24.63 -9.84 3.81
CA ALA A 138 25.31 -8.87 4.68
C ALA A 138 24.27 -8.13 5.52
N PRO A 139 24.36 -8.26 6.86
CA PRO A 139 23.40 -7.60 7.76
C PRO A 139 23.76 -6.13 7.98
N ILE A 140 22.81 -5.39 8.57
CA ILE A 140 23.12 -4.07 9.17
C ILE A 140 24.30 -4.26 10.11
N PRO A 141 25.38 -3.45 10.00
CA PRO A 141 26.53 -3.60 10.88
C PRO A 141 26.15 -3.61 12.37
N ALA A 142 26.78 -4.52 13.11
CA ALA A 142 26.70 -4.63 14.58
C ALA A 142 27.01 -3.26 15.18
N GLY A 143 26.14 -2.78 16.07
CA GLY A 143 26.38 -1.55 16.84
C GLY A 143 26.12 -0.29 16.02
N TYR A 144 25.51 -0.42 14.84
CA TYR A 144 25.25 0.72 13.92
C TYR A 144 24.45 1.81 14.64
N GLN A 145 24.90 3.04 14.50
CA GLN A 145 24.18 4.21 15.05
C GLN A 145 23.61 5.07 13.91
N LEU A 146 22.31 5.30 13.98
CA LEU A 146 21.62 6.16 13.00
C LEU A 146 22.13 7.61 13.12
N SER A 147 22.08 8.34 12.00
CA SER A 147 22.27 9.79 11.96
C SER A 147 21.22 10.49 12.83
N ALA A 148 21.47 11.77 13.09
CA ALA A 148 20.56 12.59 13.91
C ALA A 148 19.18 12.60 13.25
N ASN A 149 19.13 12.87 11.95
CA ASN A 149 17.82 12.96 11.26
C ASN A 149 17.18 11.57 11.25
N ALA A 150 17.97 10.50 11.04
CA ALA A 150 17.39 9.16 10.94
C ALA A 150 16.79 8.72 12.28
N ASN A 151 17.47 8.99 13.39
CA ASN A 151 16.95 8.60 14.72
CA ASN A 151 16.94 8.59 14.72
C ASN A 151 15.57 9.24 14.92
N ALA A 152 15.41 10.50 14.51
CA ALA A 152 14.12 11.20 14.72
C ALA A 152 13.05 10.63 13.78
N VAL A 153 13.42 10.25 12.55
CA VAL A 153 12.44 9.63 11.65
C VAL A 153 11.96 8.31 12.26
N LEU A 154 12.90 7.50 12.77
CA LEU A 154 12.48 6.21 13.37
C LEU A 154 11.57 6.47 14.57
N ALA A 155 11.92 7.46 15.40
CA ALA A 155 11.06 7.75 16.57
C ALA A 155 9.65 8.10 16.09
N THR A 156 9.54 8.90 15.03
CA THR A 156 8.19 9.24 14.52
C THR A 156 7.45 7.96 14.13
N ILE A 157 8.10 7.09 13.35
CA ILE A 157 7.44 5.85 12.88
C ILE A 157 6.97 5.04 14.08
N GLN A 158 7.80 4.93 15.10
CA GLN A 158 7.48 4.03 16.24
C GLN A 158 6.33 4.58 17.08
N GLY A 159 6.04 5.88 16.96
CA GLY A 159 4.90 6.50 17.66
C GLY A 159 3.59 6.39 16.88
N LEU A 160 3.62 5.91 15.64
CA LEU A 160 2.40 5.84 14.80
C LEU A 160 1.61 4.57 15.11
N GLU A 161 0.31 4.62 14.82
CA GLU A 161 -0.57 3.43 14.82
C GLU A 161 -0.02 2.44 13.80
N SER A 162 -0.28 1.15 14.03
CA SER A 162 0.25 0.08 13.17
C SER A 162 -0.15 0.30 11.71
N GLY A 163 -1.38 0.74 11.45
CA GLY A 163 -1.81 0.91 10.05
C GLY A 163 -0.99 1.97 9.33
N GLN A 164 -0.59 3.00 10.06
CA GLN A 164 0.27 4.05 9.49
C GLN A 164 1.71 3.53 9.35
N GLN A 165 2.20 2.78 10.33
CA GLN A 165 3.58 2.23 10.23
C GLN A 165 3.72 1.37 8.97
N ILE A 166 2.78 0.46 8.72
CA ILE A 166 2.94 -0.48 7.58
C ILE A 166 2.80 0.30 6.27
N THR A 167 2.05 1.40 6.29
CA THR A 167 1.93 2.24 5.08
C THR A 167 3.24 2.97 4.81
N VAL A 168 3.90 3.47 5.85
CA VAL A 168 5.24 4.08 5.67
C VAL A 168 6.19 3.03 5.06
N LEU A 169 6.26 1.82 5.64
CA LEU A 169 7.21 0.80 5.14
C LEU A 169 6.90 0.46 3.69
N ARG A 170 5.63 0.28 3.35
CA ARG A 170 5.25 -0.07 1.98
C ARG A 170 5.70 1.02 1.02
N ASN A 171 5.42 2.28 1.37
N ASN A 171 5.39 2.27 1.36
CA ASN A 171 5.73 3.39 0.46
CA ASN A 171 5.75 3.43 0.51
C ASN A 171 7.25 3.53 0.30
C ASN A 171 7.25 3.47 0.30
N ALA A 172 8.02 3.28 1.37
CA ALA A 172 9.49 3.31 1.31
C ALA A 172 9.97 2.24 0.31
N VAL A 173 9.40 1.04 0.42
CA VAL A 173 9.78 -0.10 -0.45
C VAL A 173 9.42 0.26 -1.90
N VAL A 174 8.23 0.78 -2.12
CA VAL A 174 7.74 1.02 -3.49
C VAL A 174 8.64 2.07 -4.16
N ASP A 175 9.14 3.05 -3.41
CA ASP A 175 9.88 4.19 -3.97
C ASP A 175 11.32 3.82 -4.36
N MET A 176 11.79 2.63 -4.01
CA MET A 176 13.19 2.26 -4.30
C MET A 176 13.34 1.83 -5.77
N GLY A 177 14.57 1.69 -6.24
CA GLY A 177 14.85 1.28 -7.62
C GLY A 177 14.85 2.47 -8.58
N PHE A 178 14.91 2.17 -9.89
CA PHE A 178 15.09 3.18 -10.95
C PHE A 178 14.17 2.90 -12.13
N THR A 179 13.34 3.88 -12.48
CA THR A 179 12.42 3.80 -13.63
C THR A 179 13.04 4.52 -14.84
N GLY A 184 7.32 1.44 -19.99
CA GLY A 184 8.14 0.52 -19.16
C GLY A 184 7.43 -0.78 -18.87
N LYS A 185 8.15 -1.90 -18.96
CA LYS A 185 7.60 -3.26 -18.75
C LYS A 185 7.09 -3.36 -17.31
N ARG A 186 5.98 -4.07 -17.12
CA ARG A 186 5.36 -4.22 -15.78
C ARG A 186 5.24 -5.70 -15.44
N ILE A 187 5.75 -6.07 -14.28
CA ILE A 187 5.66 -7.47 -13.79
CA ILE A 187 5.67 -7.47 -13.78
C ILE A 187 4.78 -7.47 -12.54
N ALA A 188 3.77 -8.32 -12.54
CA ALA A 188 2.83 -8.43 -11.42
C ALA A 188 2.49 -9.89 -11.20
N GLU A 189 1.88 -10.17 -10.05
CA GLU A 189 1.43 -11.54 -9.72
C GLU A 189 0.27 -11.92 -10.61
N PRO A 190 0.06 -13.24 -10.84
CA PRO A 190 -1.12 -13.69 -11.57
C PRO A 190 -2.39 -13.22 -10.86
N VAL A 191 -3.44 -13.02 -11.64
CA VAL A 191 -4.75 -12.58 -11.09
C VAL A 191 -5.52 -13.82 -10.64
N VAL A 192 -5.85 -13.86 -9.36
CA VAL A 192 -6.62 -14.96 -8.73
C VAL A 192 -8.03 -14.94 -9.31
N PRO A 193 -8.66 -16.11 -9.51
CA PRO A 193 -10.05 -16.17 -9.95
C PRO A 193 -10.95 -15.50 -8.92
N PRO A 194 -12.00 -14.76 -9.36
CA PRO A 194 -12.98 -14.21 -8.45
C PRO A 194 -13.62 -15.29 -7.59
N GLN A 195 -14.01 -14.89 -6.37
CA GLN A 195 -14.62 -15.78 -5.37
C GLN A 195 -15.91 -16.37 -5.93
N ASP A 196 -16.14 -17.66 -5.68
CA ASP A 196 -17.37 -18.34 -6.14
C ASP A 196 -18.56 -17.59 -5.55
N THR A 197 -19.58 -17.38 -6.37
CA THR A 197 -20.77 -16.58 -6.02
C THR A 197 -21.32 -17.01 -4.67
N ALA A 198 -21.43 -18.33 -4.44
CA ALA A 198 -22.19 -18.89 -3.30
C ALA A 198 -21.53 -18.54 -1.97
N SER A 199 -20.22 -18.28 -1.97
CA SER A 199 -19.46 -18.11 -0.72
C SER A 199 -19.23 -16.61 -0.42
N ARG A 200 -19.62 -15.73 -1.34
CA ARG A 200 -19.38 -14.27 -1.16
C ARG A 200 -20.19 -13.73 0.00
N THR A 201 -19.62 -12.76 0.71
CA THR A 201 -20.31 -12.01 1.78
C THR A 201 -20.93 -10.74 1.19
N LYS A 202 -21.93 -10.21 1.87
CA LYS A 202 -22.47 -8.88 1.53
C LYS A 202 -22.23 -7.97 2.73
N VAL A 203 -21.69 -6.78 2.47
CA VAL A 203 -21.46 -5.80 3.56
C VAL A 203 -22.78 -5.10 3.85
N SER A 204 -22.86 -4.59 5.08
CA SER A 204 -23.90 -3.66 5.54
CA SER A 204 -23.91 -3.65 5.52
C SER A 204 -23.22 -2.36 5.98
N ILE A 205 -23.80 -1.22 5.62
CA ILE A 205 -23.22 0.08 6.00
C ILE A 205 -24.32 0.93 6.62
N GLU A 206 -24.16 1.31 7.88
CA GLU A 206 -25.16 2.18 8.52
C GLU A 206 -25.31 3.44 7.67
N GLY A 207 -26.55 3.78 7.31
CA GLY A 207 -26.85 5.03 6.61
C GLY A 207 -26.69 4.96 5.10
N VAL A 208 -26.13 3.86 4.58
CA VAL A 208 -25.83 3.78 3.12
C VAL A 208 -26.43 2.51 2.53
N THR A 209 -27.43 2.66 1.67
CA THR A 209 -28.02 1.52 0.92
C THR A 209 -27.69 1.63 -0.57
N ASN A 210 -26.92 2.65 -0.96
CA ASN A 210 -26.60 2.93 -2.36
C ASN A 210 -26.01 1.67 -3.01
N ALA A 211 -26.63 1.18 -4.08
CA ALA A 211 -26.24 -0.11 -4.68
C ALA A 211 -24.82 -0.04 -5.26
N THR A 212 -24.41 1.09 -5.82
CA THR A 212 -23.07 1.25 -6.39
C THR A 212 -22.04 1.07 -5.27
N VAL A 213 -22.25 1.73 -4.14
CA VAL A 213 -21.26 1.65 -3.04
C VAL A 213 -21.22 0.23 -2.48
N LEU A 214 -22.38 -0.38 -2.26
CA LEU A 214 -22.41 -1.75 -1.70
C LEU A 214 -21.75 -2.71 -2.70
N ASN A 215 -22.03 -2.55 -3.99
CA ASN A 215 -21.47 -3.46 -5.02
C ASN A 215 -19.95 -3.26 -5.11
N TRP A 216 -19.49 -2.01 -4.95
N TRP A 216 -19.52 -2.04 -4.88
CA TRP A 216 -18.04 -1.70 -4.87
CA TRP A 216 -18.09 -1.70 -4.91
C TRP A 216 -17.41 -2.59 -3.81
C TRP A 216 -17.36 -2.48 -3.79
N MET A 217 -17.89 -2.45 -2.58
CA MET A 217 -17.30 -3.14 -1.42
C MET A 217 -17.35 -4.65 -1.68
N ASP A 218 -18.50 -5.16 -2.11
CA ASP A 218 -18.70 -6.62 -2.24
C ASP A 218 -17.83 -7.18 -3.37
N ASN A 219 -17.73 -6.48 -4.50
CA ASN A 219 -16.94 -6.99 -5.63
C ASN A 219 -15.46 -6.94 -5.28
N LEU A 220 -14.99 -5.92 -4.57
CA LEU A 220 -13.56 -5.89 -4.20
CA LEU A 220 -13.57 -5.88 -4.17
C LEU A 220 -13.28 -7.04 -3.22
N ASN A 221 -14.19 -7.29 -2.29
CA ASN A 221 -14.01 -8.37 -1.30
C ASN A 221 -13.97 -9.73 -2.00
N ALA A 222 -14.56 -9.82 -3.19
CA ALA A 222 -14.60 -11.08 -3.97
C ALA A 222 -13.52 -11.13 -5.05
N ASN A 223 -12.66 -10.12 -5.13
CA ASN A 223 -11.64 -10.03 -6.20
C ASN A 223 -12.31 -10.03 -7.57
N ASP A 224 -13.51 -9.46 -7.69
CA ASP A 224 -14.24 -9.49 -8.97
C ASP A 224 -14.02 -8.17 -9.71
N PHE A 225 -12.84 -8.01 -10.29
CA PHE A 225 -12.39 -6.70 -10.82
C PHE A 225 -13.16 -6.36 -12.10
N ASP A 226 -13.54 -7.36 -12.89
CA ASP A 226 -14.26 -7.10 -14.15
C ASP A 226 -15.66 -6.54 -13.84
N THR A 227 -16.29 -6.99 -12.75
CA THR A 227 -17.61 -6.44 -12.35
C THR A 227 -17.40 -5.05 -11.77
N LEU A 228 -16.37 -4.90 -10.94
CA LEU A 228 -16.04 -3.63 -10.26
C LEU A 228 -15.85 -2.53 -11.31
N ILE A 229 -15.13 -2.81 -12.39
CA ILE A 229 -14.70 -1.73 -13.30
C ILE A 229 -15.94 -1.18 -14.02
N GLU A 230 -16.99 -1.98 -14.14
CA GLU A 230 -18.22 -1.55 -14.86
C GLU A 230 -18.99 -0.52 -14.03
N LEU A 231 -18.62 -0.31 -12.76
CA LEU A 231 -19.28 0.70 -11.93
C LEU A 231 -18.81 2.12 -12.27
N PHE A 232 -17.69 2.26 -12.98
CA PHE A 232 -17.08 3.57 -13.23
C PHE A 232 -17.63 4.21 -14.51
N THR A 233 -17.61 5.54 -14.53
CA THR A 233 -17.71 6.28 -15.80
C THR A 233 -16.42 6.06 -16.61
N SER A 234 -16.47 6.30 -17.92
CA SER A 234 -15.33 6.05 -18.81
C SER A 234 -14.14 6.91 -18.39
N ASP A 235 -14.42 8.10 -17.86
CA ASP A 235 -13.42 9.11 -17.47
C ASP A 235 -13.26 9.14 -15.95
N GLY A 236 -13.81 8.15 -15.25
CA GLY A 236 -13.81 8.14 -13.78
C GLY A 236 -12.43 7.85 -13.22
N ALA A 237 -12.23 8.15 -11.95
CA ALA A 237 -10.90 7.96 -11.35
C ALA A 237 -11.02 7.35 -9.95
N LEU A 238 -9.97 6.63 -9.58
CA LEU A 238 -9.78 6.09 -8.23
C LEU A 238 -8.51 6.72 -7.66
N GLN A 239 -8.62 7.27 -6.45
CA GLN A 239 -7.47 7.89 -5.78
C GLN A 239 -7.09 7.08 -4.54
N PRO A 240 -6.04 6.25 -4.60
CA PRO A 240 -5.57 5.52 -3.43
C PRO A 240 -4.94 6.47 -2.42
N PRO A 241 -4.71 6.01 -1.17
CA PRO A 241 -4.14 6.88 -0.15
C PRO A 241 -2.80 7.52 -0.55
N PHE A 242 -2.76 8.84 -0.51
CA PHE A 242 -1.56 9.65 -0.75
C PHE A 242 -1.01 9.45 -2.16
N GLN A 243 -1.87 9.07 -3.11
CA GLN A 243 -1.46 8.94 -4.51
C GLN A 243 -2.33 9.85 -5.38
N ARG A 244 -1.85 10.21 -6.56
CA ARG A 244 -2.69 10.98 -7.50
C ARG A 244 -3.80 10.07 -8.03
N PRO A 245 -4.92 10.67 -8.50
CA PRO A 245 -5.98 9.88 -9.12
C PRO A 245 -5.45 9.06 -10.29
N ILE A 246 -5.97 7.85 -10.36
CA ILE A 246 -5.77 6.91 -11.47
C ILE A 246 -7.00 7.02 -12.36
N VAL A 247 -6.81 7.41 -13.62
CA VAL A 247 -7.91 7.94 -14.45
C VAL A 247 -8.24 6.97 -15.59
N GLY A 248 -9.51 6.62 -15.68
CA GLY A 248 -10.03 5.82 -16.81
C GLY A 248 -10.03 4.33 -16.54
N LYS A 249 -10.91 3.60 -17.24
CA LYS A 249 -11.13 2.18 -16.92
C LYS A 249 -9.87 1.36 -17.15
N GLU A 250 -9.10 1.63 -18.20
CA GLU A 250 -7.90 0.80 -18.46
C GLU A 250 -6.95 0.90 -17.26
N ASN A 251 -6.62 2.13 -16.84
CA ASN A 251 -5.62 2.33 -15.77
C ASN A 251 -6.18 1.83 -14.44
N VAL A 252 -7.47 2.03 -14.18
CA VAL A 252 -8.05 1.60 -12.89
C VAL A 252 -8.10 0.08 -12.83
N LEU A 253 -8.47 -0.59 -13.93
CA LEU A 253 -8.54 -2.06 -13.92
C LEU A 253 -7.15 -2.65 -13.73
N ARG A 254 -6.14 -2.04 -14.36
CA ARG A 254 -4.75 -2.49 -14.21
C ARG A 254 -4.34 -2.39 -12.74
N PHE A 255 -4.71 -1.29 -12.09
CA PHE A 255 -4.40 -1.06 -10.66
C PHE A 255 -5.09 -2.15 -9.82
N PHE A 256 -6.36 -2.43 -10.10
CA PHE A 256 -7.08 -3.49 -9.35
C PHE A 256 -6.30 -4.79 -9.45
N ARG A 257 -5.95 -5.17 -10.69
CA ARG A 257 -5.38 -6.50 -10.98
C ARG A 257 -3.97 -6.64 -10.38
N GLU A 258 -3.20 -5.55 -10.39
CA GLU A 258 -1.79 -5.55 -9.96
C GLU A 258 -1.68 -5.40 -8.44
N GLU A 259 -2.58 -4.65 -7.80
CA GLU A 259 -2.33 -4.17 -6.43
C GLU A 259 -3.47 -4.46 -5.45
N CYS A 260 -4.65 -4.86 -5.91
CA CYS A 260 -5.84 -4.87 -5.04
C CYS A 260 -6.40 -6.29 -4.80
N GLN A 261 -5.56 -7.31 -4.88
CA GLN A 261 -6.05 -8.68 -4.63
C GLN A 261 -6.03 -9.01 -3.13
N ASN A 262 -7.10 -9.69 -2.69
CA ASN A 262 -7.18 -10.36 -1.37
C ASN A 262 -7.25 -9.34 -0.24
N LEU A 263 -7.79 -8.16 -0.50
CA LEU A 263 -8.12 -7.19 0.56
C LEU A 263 -9.38 -7.65 1.28
N LYS A 264 -9.56 -7.16 2.50
CA LYS A 264 -10.85 -7.30 3.19
C LYS A 264 -11.31 -5.91 3.63
N LEU A 265 -12.41 -5.47 3.02
CA LEU A 265 -13.00 -4.16 3.30
C LEU A 265 -14.11 -4.37 4.33
N ILE A 266 -14.04 -3.60 5.42
CA ILE A 266 -15.01 -3.72 6.52
C ILE A 266 -15.58 -2.32 6.77
N PRO A 267 -16.46 -1.85 5.86
CA PRO A 267 -17.10 -0.55 6.04
C PRO A 267 -18.07 -0.61 7.21
N GLU A 268 -18.24 0.52 7.89
CA GLU A 268 -19.06 0.56 9.12
C GLU A 268 -20.27 1.49 8.93
N ARG A 269 -20.03 2.75 8.56
CA ARG A 269 -21.11 3.74 8.55
C ARG A 269 -20.80 4.80 7.50
N GLY A 270 -21.85 5.49 7.06
CA GLY A 270 -21.64 6.52 6.05
C GLY A 270 -22.72 7.57 6.06
N VAL A 271 -22.61 8.45 5.07
CA VAL A 271 -23.51 9.59 4.90
C VAL A 271 -23.66 9.83 3.39
N THR A 272 -24.88 10.18 3.00
CA THR A 272 -25.30 10.28 1.59
C THR A 272 -25.85 11.68 1.36
N GLU A 273 -25.27 12.43 0.44
CA GLU A 273 -25.68 13.83 0.19
C GLU A 273 -26.00 13.98 -1.29
N PRO A 274 -27.29 13.87 -1.66
CA PRO A 274 -27.72 14.02 -3.06
C PRO A 274 -27.53 15.46 -3.58
N ASP A 277 -28.10 18.79 -10.38
CA ASP A 277 -26.91 17.97 -10.76
C ASP A 277 -27.33 16.53 -10.96
N GLY A 278 -28.04 16.01 -9.96
CA GLY A 278 -28.41 14.60 -9.87
C GLY A 278 -27.21 13.78 -9.45
N PHE A 279 -26.04 14.42 -9.29
CA PHE A 279 -24.85 13.72 -8.70
C PHE A 279 -25.10 13.49 -7.21
N THR A 280 -24.36 12.55 -6.63
CA THR A 280 -24.47 12.20 -5.21
C THR A 280 -23.06 12.05 -4.64
N GLN A 281 -22.80 12.66 -3.49
CA GLN A 281 -21.55 12.40 -2.77
C GLN A 281 -21.85 11.54 -1.53
N ILE A 282 -21.03 10.51 -1.36
CA ILE A 282 -21.19 9.56 -0.25
C ILE A 282 -19.83 9.38 0.44
N LYS A 283 -19.82 9.47 1.76
CA LYS A 283 -18.62 9.16 2.54
C LYS A 283 -18.92 7.96 3.43
N VAL A 284 -18.00 7.01 3.43
CA VAL A 284 -18.08 5.81 4.29
C VAL A 284 -16.80 5.75 5.13
N THR A 285 -16.93 5.34 6.39
CA THR A 285 -15.73 5.06 7.19
C THR A 285 -15.77 3.62 7.67
N GLY A 286 -14.59 3.07 7.87
CA GLY A 286 -14.48 1.72 8.41
C GLY A 286 -13.04 1.28 8.42
N LYS A 287 -12.83 -0.02 8.24
CA LYS A 287 -11.48 -0.60 8.32
C LYS A 287 -11.20 -1.41 7.06
N VAL A 288 -9.92 -1.53 6.76
CA VAL A 288 -9.44 -2.43 5.68
C VAL A 288 -8.29 -3.26 6.24
N GLN A 289 -8.25 -4.52 5.84
CA GLN A 289 -7.13 -5.43 6.11
C GLN A 289 -6.42 -5.74 4.81
N THR A 290 -5.09 -5.71 4.86
CA THR A 290 -4.21 -6.19 3.78
C THR A 290 -3.84 -7.63 4.03
N PRO A 291 -3.71 -8.46 2.98
CA PRO A 291 -3.30 -9.85 3.15
C PRO A 291 -1.89 -10.01 3.73
N TRP A 292 -1.11 -8.94 3.78
CA TRP A 292 0.22 -8.96 4.43
C TRP A 292 0.09 -9.12 5.94
N PHE A 293 -1.03 -8.69 6.55
CA PHE A 293 -1.17 -8.72 8.01
C PHE A 293 -2.50 -9.32 8.47
N GLY A 294 -3.43 -9.56 7.55
CA GLY A 294 -4.73 -10.16 7.91
C GLY A 294 -5.40 -9.36 9.01
N GLY A 295 -5.98 -10.05 9.99
CA GLY A 295 -6.74 -9.41 11.08
C GLY A 295 -5.83 -8.68 12.08
N ASN A 296 -4.52 -8.79 11.93
CA ASN A 296 -3.55 -8.24 12.92
C ASN A 296 -3.41 -6.71 12.78
N VAL A 297 -3.78 -6.14 11.63
CA VAL A 297 -3.74 -4.67 11.40
C VAL A 297 -5.06 -4.26 10.73
N GLY A 298 -5.87 -3.46 11.42
CA GLY A 298 -7.04 -2.86 10.81
C GLY A 298 -6.78 -1.41 10.51
N MET A 299 -6.63 -1.05 9.24
CA MET A 299 -6.37 0.36 8.89
C MET A 299 -7.69 1.12 8.94
N ASN A 300 -7.66 2.28 9.55
CA ASN A 300 -8.84 3.18 9.56
C ASN A 300 -8.91 3.95 8.24
N ILE A 301 -10.01 3.78 7.53
CA ILE A 301 -10.15 4.23 6.13
C ILE A 301 -11.45 5.03 5.98
N ALA A 302 -11.40 6.05 5.14
CA ALA A 302 -12.61 6.65 4.55
C ALA A 302 -12.63 6.37 3.05
N TRP A 303 -13.84 6.19 2.53
CA TRP A 303 -14.12 6.20 1.09
C TRP A 303 -14.95 7.44 0.81
N ARG A 304 -14.57 8.20 -0.21
CA ARG A 304 -15.34 9.38 -0.65
C ARG A 304 -15.72 9.16 -2.11
N PHE A 305 -17.01 8.97 -2.35
CA PHE A 305 -17.56 8.70 -3.70
C PHE A 305 -18.27 9.92 -4.24
N LEU A 306 -18.05 10.19 -5.53
CA LEU A 306 -18.89 11.11 -6.31
C LEU A 306 -19.52 10.31 -7.44
N LEU A 307 -20.83 10.11 -7.35
CA LEU A 307 -21.60 9.30 -8.31
C LEU A 307 -22.37 10.23 -9.26
N ASN A 308 -22.42 9.85 -10.53
CA ASN A 308 -23.22 10.58 -11.53
C ASN A 308 -24.69 10.20 -11.37
N PRO A 309 -25.59 10.87 -12.11
CA PRO A 309 -27.03 10.66 -11.95
C PRO A 309 -27.48 9.21 -12.18
N GLU A 310 -26.74 8.47 -13.01
CA GLU A 310 -27.03 7.06 -13.33
C GLU A 310 -26.45 6.14 -12.24
N GLY A 311 -25.70 6.69 -11.28
CA GLY A 311 -25.11 5.88 -10.20
C GLY A 311 -23.71 5.37 -10.53
N LYS A 312 -23.10 5.82 -11.63
CA LYS A 312 -21.72 5.40 -11.96
CA LYS A 312 -21.72 5.42 -11.98
C LYS A 312 -20.72 6.25 -11.17
N ILE A 313 -19.58 5.64 -10.85
CA ILE A 313 -18.51 6.32 -10.09
C ILE A 313 -17.72 7.22 -11.04
N PHE A 314 -17.85 8.54 -10.84
CA PHE A 314 -16.97 9.53 -11.48
C PHE A 314 -15.66 9.63 -10.69
N PHE A 315 -15.74 9.58 -9.37
CA PHE A 315 -14.54 9.72 -8.52
C PHE A 315 -14.72 8.91 -7.25
N VAL A 316 -13.71 8.14 -6.88
CA VAL A 316 -13.68 7.56 -5.53
C VAL A 316 -12.28 7.74 -4.96
N ALA A 317 -12.22 8.31 -3.74
CA ALA A 317 -10.95 8.43 -3.00
C ALA A 317 -11.01 7.49 -1.83
N ILE A 318 -9.86 6.91 -1.53
CA ILE A 318 -9.66 6.09 -0.32
C ILE A 318 -8.59 6.77 0.51
N ASP A 319 -8.97 7.14 1.74
CA ASP A 319 -8.07 7.93 2.60
C ASP A 319 -7.69 7.08 3.82
N LEU A 320 -6.41 7.11 4.17
CA LEU A 320 -5.97 6.58 5.48
C LEU A 320 -6.20 7.68 6.51
N LEU A 321 -7.01 7.40 7.53
CA LEU A 321 -7.44 8.44 8.47
C LEU A 321 -6.40 8.69 9.56
N ALA A 322 -6.32 9.95 10.00
CA ALA A 322 -5.33 10.38 11.01
C ALA A 322 -5.46 9.60 12.31
N SER A 323 -6.67 9.23 12.70
CA SER A 323 -6.89 8.50 13.96
CA SER A 323 -6.90 8.53 13.98
C SER A 323 -8.27 7.87 13.94
N PRO A 324 -8.57 6.97 14.90
CA PRO A 324 -9.91 6.37 14.99
C PRO A 324 -10.95 7.46 15.27
N LYS A 325 -10.48 8.60 15.79
CA LYS A 325 -11.36 9.75 16.12
C LYS A 325 -11.95 10.32 14.82
N GLU A 326 -11.40 9.92 13.66
CA GLU A 326 -11.87 10.40 12.33
C GLU A 326 -12.93 9.46 11.77
N LEU A 327 -13.15 8.29 12.40
CA LEU A 327 -14.26 7.41 11.99
C LEU A 327 -15.59 8.12 12.31
N LEU A 328 -16.60 7.94 11.47
CA LEU A 328 -17.93 8.60 11.61
C LEU A 328 -18.69 8.09 12.84
C1 ECH B . 14.58 -4.95 5.68
C2 ECH B . 15.72 -3.96 5.99
C3 ECH B . 16.29 -3.31 4.77
C4 ECH B . 15.19 -2.55 4.00
C5 ECH B . 13.87 -3.26 3.94
C6 ECH B . 13.58 -4.34 4.71
C7 ECH B . 12.32 -5.03 4.65
C8 ECH B . 11.08 -4.50 4.72
C9 ECH B . 9.87 -5.20 4.65
C10 ECH B . 8.64 -4.54 4.84
C11 ECH B . 7.33 -4.98 4.66
C12 ECH B . 6.18 -4.24 4.68
C13 ECH B . 4.87 -4.61 4.34
C14 ECH B . 3.84 -3.69 4.29
C15 ECH B . 2.55 -3.83 3.83
C16 ECH B . 1.59 -2.83 3.72
C17 ECH B . 0.34 -2.87 3.13
C18 ECH B . -0.62 -1.87 3.07
C19 ECH B . -1.81 -2.03 2.34
C20 ECH B . -2.89 -1.15 2.26
C21 ECH B . -3.98 -1.29 1.41
C22 ECH B . -5.11 -0.45 1.30
C23 ECH B . -6.02 -0.65 0.27
C24 ECH B . -7.13 0.07 0.07
C25 ECH B . -7.97 0.10 -1.07
C26 ECH B . -9.32 0.09 -0.82
C27 ECH B . -10.29 0.30 -1.91
O27 ECH B . -11.53 0.42 -1.67
C28 ECH B . -9.81 0.41 -3.33
C29 ECH B . -8.42 -0.17 -3.52
C30 ECH B . -7.42 0.32 -2.46
C31 ECH B . 13.89 -5.33 7.00
C32 ECH B . 15.17 -6.22 5.08
C33 ECH B . 12.93 -2.65 2.93
C34 ECH B . 9.85 -6.67 4.37
C35 ECH B . 4.58 -6.04 3.97
C36 ECH B . -0.36 -0.59 3.78
C37 ECH B . -5.22 0.67 2.29
C38 ECH B . -9.91 -0.05 0.56
C39 ECH B . -7.14 1.80 -2.61
C40 ECH B . -6.10 -0.42 -2.68
N GLY C . 1.41 -13.00 0.68
CA GLY C . 1.34 -11.63 1.20
C GLY C . 0.39 -10.80 0.36
O GLY C . 0.65 -10.70 -0.87
CL CL D . -2.07 -5.28 -0.09
N1 IMD E . -12.25 -13.67 -1.19
C2 IMD E . -11.58 -14.81 -0.99
N3 IMD E . -10.34 -14.52 -0.66
C4 IMD E . -10.20 -13.16 -0.61
C5 IMD E . -11.37 -12.63 -1.01
N GLY F . 18.63 -7.47 -13.18
CA GLY F . 18.13 -8.51 -12.23
C GLY F . 17.70 -9.77 -12.95
O GLY F . 16.75 -10.41 -12.47
N GLY G . -28.84 2.18 9.62
CA GLY G . -28.74 1.49 8.33
C GLY G . -28.86 2.46 7.15
O GLY G . -29.55 2.08 6.18
N GLY H . -2.47 1.92 -1.54
CA GLY H . -2.50 0.59 -0.90
C GLY H . -2.62 -0.48 -1.95
O GLY H . -2.56 -0.12 -3.17
N HIS I . -10.59 -6.80 -19.58
CA HIS I . -12.06 -6.90 -19.47
C HIS I . -12.58 -7.90 -20.52
O HIS I . -13.78 -8.05 -20.75
CB HIS I . -12.69 -5.51 -19.60
CG HIS I . -14.01 -5.38 -18.92
ND1 HIS I . -14.26 -5.97 -17.68
CD2 HIS I . -15.13 -4.71 -19.25
CE1 HIS I . -15.50 -5.69 -17.30
NE2 HIS I . -16.05 -4.91 -18.25
OXT HIS I . -11.77 -8.57 -21.16
C1 EDO J . 23.29 -2.82 4.71
O1 EDO J . 24.18 -2.80 5.80
C2 EDO J . 22.86 -4.19 4.38
O2 EDO J . 23.96 -4.98 3.98
N GLY K . 17.38 7.80 -2.75
CA GLY K . 16.80 8.00 -1.40
C GLY K . 15.39 8.55 -1.48
O GLY K . 14.43 7.92 -1.03
OXT GLY K . 15.19 9.65 -2.00
#